data_4AB6
#
_entry.id   4AB6
#
_cell.length_a   136.870
_cell.length_b   136.870
_cell.length_c   127.980
_cell.angle_alpha   90.00
_cell.angle_beta   90.00
_cell.angle_gamma   120.00
#
_symmetry.space_group_name_H-M   'H 3 2'
#
loop_
_entity.id
_entity.type
_entity.pdbx_description
1 polymer 'TRANSCRIPTIONAL REGULATOR, LYSR FAMILY'
2 non-polymer 'SULFATE ION'
3 water water
#
_entity_poly.entity_id   1
_entity_poly.type   'polypeptide(L)'
_entity_poly.pdbx_seq_one_letter_code
;GPTEGEAGELRIAVESHTSFDWLMPAMGEFRPMWPQVELDIVSGFQADPVGLLLQHRADLAIVSEAEKQNGISFQPLFAY
EMVGICAPDHPLAAKNVWTAEDFIGETLITYPVPDEMLDLPKKILIPKNINPPRRHSELTIAIIQLVASRRGIAALPYWT
VMPYLEKGYVVHRQITADGLQSKLYAAIRTEDTDKSYLNNFCQIIRERGFADLPGLSELEPV
;
_entity_poly.pdbx_strand_id   A,B
#
loop_
_chem_comp.id
_chem_comp.type
_chem_comp.name
_chem_comp.formula
SO4 non-polymer 'SULFATE ION' 'O4 S -2'
#
# COMPACT_ATOMS: atom_id res chain seq x y z
N ALA A 7 -6.04 -30.83 1.90
CA ALA A 7 -4.61 -31.06 1.74
C ALA A 7 -3.73 -30.24 2.71
N GLY A 8 -4.29 -29.21 3.36
CA GLY A 8 -3.53 -28.43 4.32
C GLY A 8 -3.79 -26.95 4.38
N GLU A 9 -2.79 -26.17 4.84
CA GLU A 9 -2.89 -24.70 4.95
C GLU A 9 -1.63 -23.94 4.55
N LEU A 10 -1.83 -22.74 3.96
CA LEU A 10 -0.75 -21.88 3.50
C LEU A 10 -0.86 -20.47 4.08
N ARG A 11 -0.14 -20.22 5.19
CA ARG A 11 -0.08 -18.91 5.84
C ARG A 11 1.22 -18.27 5.38
N ILE A 12 1.13 -17.25 4.52
CA ILE A 12 2.28 -16.57 3.93
C ILE A 12 2.79 -15.41 4.78
N ALA A 13 4.11 -15.45 5.11
CA ALA A 13 4.85 -14.43 5.86
C ALA A 13 5.75 -13.73 4.85
N VAL A 14 5.70 -12.40 4.82
CA VAL A 14 6.44 -11.64 3.83
C VAL A 14 7.28 -10.51 4.42
N GLU A 15 8.58 -10.54 4.13
CA GLU A 15 9.60 -9.59 4.60
C GLU A 15 9.43 -8.17 4.08
N SER A 16 9.27 -8.00 2.74
CA SER A 16 9.13 -6.70 2.10
C SER A 16 7.73 -6.41 1.61
N HIS A 17 7.32 -5.14 1.69
CA HIS A 17 6.01 -4.66 1.23
C HIS A 17 5.90 -4.77 -0.31
N THR A 18 7.05 -4.68 -1.02
CA THR A 18 7.13 -4.78 -2.48
C THR A 18 6.69 -6.14 -3.01
N SER A 19 6.93 -7.23 -2.25
CA SER A 19 6.59 -8.60 -2.64
C SER A 19 5.12 -8.80 -2.94
N PHE A 20 4.24 -8.06 -2.24
CA PHE A 20 2.78 -8.09 -2.40
C PHE A 20 2.32 -7.84 -3.83
N ASP A 21 3.00 -6.94 -4.56
CA ASP A 21 2.70 -6.58 -5.96
C ASP A 21 2.63 -7.79 -6.87
N TRP A 22 3.56 -8.75 -6.68
CA TRP A 22 3.62 -9.99 -7.45
C TRP A 22 3.08 -11.20 -6.67
N LEU A 23 3.03 -11.13 -5.33
CA LEU A 23 2.54 -12.20 -4.46
C LEU A 23 1.01 -12.33 -4.51
N MET A 24 0.30 -11.21 -4.73
CA MET A 24 -1.17 -11.19 -4.84
C MET A 24 -1.70 -11.93 -6.09
N PRO A 25 -1.22 -11.66 -7.34
CA PRO A 25 -1.72 -12.44 -8.49
C PRO A 25 -1.33 -13.92 -8.43
N ALA A 26 -0.19 -14.27 -7.75
CA ALA A 26 0.28 -15.65 -7.55
C ALA A 26 -0.72 -16.42 -6.70
N MET A 27 -1.28 -15.77 -5.64
CA MET A 27 -2.32 -16.34 -4.77
C MET A 27 -3.61 -16.56 -5.58
N GLY A 28 -3.90 -15.63 -6.48
CA GLY A 28 -5.05 -15.68 -7.38
C GLY A 28 -4.96 -16.87 -8.33
N GLU A 29 -3.74 -17.20 -8.79
CA GLU A 29 -3.46 -18.34 -9.68
C GLU A 29 -3.51 -19.67 -8.90
N PHE A 30 -2.94 -19.69 -7.68
CA PHE A 30 -2.87 -20.85 -6.79
C PHE A 30 -4.25 -21.38 -6.38
N ARG A 31 -5.11 -20.52 -5.77
CA ARG A 31 -6.44 -20.85 -5.23
C ARG A 31 -7.30 -21.86 -6.02
N PRO A 32 -7.64 -21.64 -7.32
CA PRO A 32 -8.46 -22.63 -8.03
C PRO A 32 -7.82 -24.02 -8.17
N MET A 33 -6.46 -24.08 -8.29
CA MET A 33 -5.68 -25.32 -8.40
C MET A 33 -5.70 -26.14 -7.12
N TRP A 34 -5.70 -25.47 -5.96
CA TRP A 34 -5.68 -26.11 -4.65
C TRP A 34 -6.86 -25.60 -3.82
N PRO A 35 -8.11 -26.05 -4.09
CA PRO A 35 -9.26 -25.55 -3.31
C PRO A 35 -9.30 -26.02 -1.85
N GLN A 36 -8.54 -27.08 -1.52
CA GLN A 36 -8.45 -27.66 -0.17
C GLN A 36 -7.48 -26.91 0.75
N VAL A 37 -6.44 -26.27 0.17
CA VAL A 37 -5.42 -25.51 0.91
C VAL A 37 -6.00 -24.17 1.38
N GLU A 38 -5.99 -23.95 2.71
CA GLU A 38 -6.50 -22.73 3.35
C GLU A 38 -5.43 -21.63 3.30
N LEU A 39 -5.60 -20.65 2.39
CA LEU A 39 -4.67 -19.54 2.22
C LEU A 39 -4.83 -18.43 3.27
N ASP A 40 -3.72 -17.73 3.61
CA ASP A 40 -3.66 -16.62 4.58
C ASP A 40 -2.35 -15.84 4.47
N ILE A 41 -2.38 -14.56 4.87
CA ILE A 41 -1.21 -13.68 4.91
C ILE A 41 -0.98 -13.32 6.38
N VAL A 42 0.24 -13.49 6.90
CA VAL A 42 0.51 -13.17 8.29
C VAL A 42 1.01 -11.74 8.44
N SER A 43 0.04 -10.91 8.86
CA SER A 43 0.08 -9.46 9.05
C SER A 43 -0.78 -9.09 10.28
N GLY A 44 -0.51 -7.93 10.85
CA GLY A 44 -1.21 -7.40 12.02
C GLY A 44 -0.67 -7.99 13.31
N GLN A 46 6.10 -6.78 11.83
CA GLN A 46 6.01 -8.13 12.35
C GLN A 46 6.55 -9.21 11.37
N ALA A 47 7.74 -9.79 11.63
CA ALA A 47 8.68 -9.49 12.73
C ALA A 47 10.07 -9.91 12.26
N ASP A 48 10.15 -11.18 11.83
CA ASP A 48 11.24 -11.92 11.23
C ASP A 48 10.45 -13.10 10.67
N PRO A 49 10.26 -13.18 9.33
CA PRO A 49 9.39 -14.23 8.78
C PRO A 49 9.83 -15.67 9.01
N VAL A 50 11.17 -15.89 9.09
CA VAL A 50 11.78 -17.20 9.36
C VAL A 50 11.46 -17.60 10.82
N GLY A 51 11.41 -16.62 11.72
CA GLY A 51 11.04 -16.81 13.12
C GLY A 51 9.61 -17.29 13.30
N LEU A 52 8.68 -16.78 12.46
CA LEU A 52 7.26 -17.17 12.47
C LEU A 52 7.07 -18.61 11.98
N LEU A 53 8.00 -19.08 11.11
CA LEU A 53 8.01 -20.45 10.58
C LEU A 53 8.31 -21.41 11.72
N LEU A 54 9.30 -21.08 12.54
CA LEU A 54 9.74 -21.85 13.69
C LEU A 54 8.72 -21.87 14.82
N GLN A 55 7.93 -20.79 14.94
CA GLN A 55 6.86 -20.64 15.92
C GLN A 55 5.53 -21.26 15.44
N HIS A 56 5.51 -21.83 14.21
CA HIS A 56 4.35 -22.46 13.55
C HIS A 56 3.19 -21.47 13.37
N ARG A 57 3.54 -20.21 13.06
CA ARG A 57 2.62 -19.11 12.83
C ARG A 57 2.46 -18.87 11.32
N ALA A 58 3.48 -19.24 10.53
CA ALA A 58 3.52 -19.15 9.08
C ALA A 58 3.94 -20.48 8.49
N ASP A 59 3.55 -20.76 7.24
CA ASP A 59 3.87 -22.00 6.55
C ASP A 59 4.86 -21.79 5.40
N LEU A 60 4.96 -20.55 4.91
CA LEU A 60 5.88 -20.14 3.85
C LEU A 60 6.29 -18.69 4.11
N ALA A 61 7.59 -18.40 3.96
CA ALA A 61 8.13 -17.06 4.17
C ALA A 61 8.91 -16.57 2.97
N ILE A 62 8.64 -15.33 2.53
CA ILE A 62 9.32 -14.68 1.40
C ILE A 62 10.42 -13.82 2.02
N VAL A 63 11.70 -14.24 1.87
CA VAL A 63 12.85 -13.56 2.47
C VAL A 63 13.93 -13.06 1.49
N SER A 64 14.71 -12.05 1.90
CA SER A 64 15.79 -11.43 1.10
C SER A 64 17.18 -12.04 1.32
N GLU A 65 17.28 -13.09 2.13
CA GLU A 65 18.55 -13.79 2.40
C GLU A 65 18.33 -15.23 2.83
N ALA A 66 19.17 -16.15 2.29
CA ALA A 66 19.07 -17.57 2.60
C ALA A 66 20.15 -17.97 3.60
N GLU A 67 20.07 -17.31 4.78
CA GLU A 67 20.95 -17.50 5.93
C GLU A 67 20.60 -18.84 6.56
N LYS A 68 21.44 -19.85 6.26
CA LYS A 68 21.34 -21.25 6.63
C LYS A 68 21.12 -21.49 8.11
N GLN A 69 20.09 -22.29 8.45
CA GLN A 69 19.74 -22.65 9.82
C GLN A 69 18.90 -23.91 9.94
N ASN A 70 18.99 -24.57 11.10
CA ASN A 70 18.32 -25.82 11.45
C ASN A 70 16.79 -25.79 11.37
N GLY A 71 16.24 -26.77 10.65
CA GLY A 71 14.80 -26.95 10.46
C GLY A 71 14.13 -26.08 9.43
N ILE A 72 14.91 -25.42 8.56
CA ILE A 72 14.40 -24.54 7.49
C ILE A 72 15.07 -24.85 6.16
N SER A 73 14.26 -25.06 5.10
CA SER A 73 14.77 -25.28 3.75
C SER A 73 14.45 -24.03 2.92
N PHE A 74 15.47 -23.49 2.23
CA PHE A 74 15.36 -22.30 1.39
C PHE A 74 15.29 -22.66 -0.07
N GLN A 75 14.28 -22.13 -0.77
CA GLN A 75 14.08 -22.35 -2.21
C GLN A 75 14.33 -21.02 -2.95
N PRO A 76 15.21 -20.99 -3.98
CA PRO A 76 15.46 -19.72 -4.70
C PRO A 76 14.29 -19.25 -5.58
N LEU A 77 13.99 -17.95 -5.57
CA LEU A 77 12.91 -17.40 -6.40
C LEU A 77 13.52 -16.63 -7.57
N PHE A 78 14.10 -15.44 -7.30
CA PHE A 78 14.74 -14.57 -8.29
C PHE A 78 15.56 -13.48 -7.61
N ALA A 79 16.41 -12.80 -8.40
CA ALA A 79 17.23 -11.67 -7.95
C ALA A 79 16.94 -10.45 -8.83
N TYR A 80 17.03 -9.24 -8.24
CA TYR A 80 16.80 -7.96 -8.92
C TYR A 80 17.62 -6.82 -8.30
N GLU A 81 17.78 -5.71 -9.04
CA GLU A 81 18.55 -4.54 -8.62
C GLU A 81 17.73 -3.55 -7.80
N MET A 82 18.36 -3.01 -6.73
CA MET A 82 17.80 -1.96 -5.86
C MET A 82 18.34 -0.64 -6.40
N VAL A 83 17.43 0.25 -6.82
CA VAL A 83 17.80 1.55 -7.39
C VAL A 83 17.45 2.73 -6.49
N GLY A 84 18.35 3.70 -6.44
CA GLY A 84 18.17 4.91 -5.65
C GLY A 84 17.27 5.88 -6.38
N ILE A 85 16.32 6.50 -5.67
CA ILE A 85 15.40 7.44 -6.30
C ILE A 85 15.39 8.82 -5.65
N CYS A 86 15.43 9.87 -6.51
CA CYS A 86 15.39 11.28 -6.11
C CYS A 86 14.60 12.07 -7.13
N ALA A 87 14.13 13.27 -6.75
CA ALA A 87 13.38 14.17 -7.63
C ALA A 87 14.30 14.63 -8.76
N PRO A 88 13.80 14.95 -9.99
CA PRO A 88 14.74 15.37 -11.05
C PRO A 88 15.58 16.60 -10.67
N ASP A 89 14.99 17.51 -9.86
CA ASP A 89 15.58 18.74 -9.34
C ASP A 89 16.30 18.59 -7.98
N HIS A 90 16.77 17.37 -7.67
CA HIS A 90 17.55 17.04 -6.47
C HIS A 90 19.04 16.97 -6.86
N PRO A 91 19.99 17.45 -5.99
CA PRO A 91 21.42 17.40 -6.37
C PRO A 91 22.01 16.02 -6.67
N LEU A 92 21.32 14.94 -6.27
CA LEU A 92 21.77 13.58 -6.51
C LEU A 92 21.49 13.07 -7.92
N ALA A 93 20.60 13.76 -8.67
CA ALA A 93 20.28 13.44 -10.06
C ALA A 93 21.54 13.57 -10.92
N ALA A 94 22.40 14.56 -10.61
CA ALA A 94 23.67 14.85 -11.28
C ALA A 94 24.70 13.71 -11.15
N LYS A 95 24.58 12.87 -10.10
CA LYS A 95 25.46 11.73 -9.85
C LYS A 95 24.90 10.45 -10.47
N ASN A 96 25.63 9.88 -11.44
CA ASN A 96 25.23 8.65 -12.14
C ASN A 96 25.27 7.39 -11.27
N VAL A 97 26.28 7.28 -10.38
CA VAL A 97 26.46 6.17 -9.44
C VAL A 97 26.58 6.72 -8.02
N TRP A 98 25.59 6.42 -7.18
CA TRP A 98 25.55 6.87 -5.79
C TRP A 98 26.47 6.00 -4.92
N THR A 99 26.93 6.56 -3.80
CA THR A 99 27.77 5.88 -2.81
C THR A 99 27.08 5.92 -1.45
N ALA A 100 27.55 5.11 -0.49
CA ALA A 100 27.03 5.05 0.87
C ALA A 100 26.98 6.46 1.48
N GLU A 101 28.07 7.23 1.27
CA GLU A 101 28.30 8.60 1.75
C GLU A 101 27.32 9.62 1.16
N ASP A 102 26.71 9.33 -0.01
CA ASP A 102 25.73 10.21 -0.64
C ASP A 102 24.40 10.25 0.13
N PHE A 103 24.15 9.21 0.98
CA PHE A 103 22.98 9.09 1.84
C PHE A 103 23.07 9.96 3.10
N ILE A 104 24.28 10.44 3.45
CA ILE A 104 24.53 11.33 4.60
C ILE A 104 23.94 12.72 4.28
N GLY A 105 23.22 13.28 5.24
CA GLY A 105 22.58 14.59 5.14
C GLY A 105 21.24 14.58 4.42
N GLU A 106 20.82 13.39 3.95
CA GLU A 106 19.57 13.18 3.24
C GLU A 106 18.60 12.40 4.11
N THR A 107 17.30 12.71 4.01
CA THR A 107 16.25 12.00 4.74
C THR A 107 15.99 10.70 3.98
N LEU A 108 16.08 9.56 4.68
CA LEU A 108 15.85 8.27 4.05
C LEU A 108 14.40 7.82 4.23
N ILE A 109 13.67 7.68 3.11
CA ILE A 109 12.27 7.24 3.10
C ILE A 109 12.22 5.73 2.84
N THR A 110 11.76 4.98 3.86
CA THR A 110 11.65 3.52 3.82
C THR A 110 10.27 3.09 4.33
N TYR A 111 9.98 1.77 4.23
CA TYR A 111 8.76 1.18 4.78
C TYR A 111 8.93 1.12 6.30
N PRO A 112 7.86 1.14 7.14
CA PRO A 112 8.08 1.10 8.59
C PRO A 112 8.46 -0.30 9.06
N VAL A 113 9.75 -0.62 8.86
CA VAL A 113 10.38 -1.91 9.13
C VAL A 113 11.84 -1.68 9.63
N PRO A 114 12.45 -2.54 10.49
CA PRO A 114 13.83 -2.26 10.93
C PRO A 114 14.86 -2.58 9.85
N ASP A 115 16.06 -1.95 9.93
CA ASP A 115 17.19 -2.09 9.00
C ASP A 115 17.59 -3.53 8.63
N GLU A 116 17.27 -4.49 9.50
CA GLU A 116 17.50 -5.92 9.38
C GLU A 116 16.76 -6.50 8.16
N MET A 117 15.58 -5.93 7.84
CA MET A 117 14.74 -6.36 6.73
C MET A 117 14.85 -5.43 5.48
N LEU A 118 15.84 -4.51 5.47
CA LEU A 118 16.07 -3.57 4.37
C LEU A 118 17.49 -3.71 3.84
N ASP A 119 17.63 -4.08 2.54
CA ASP A 119 18.92 -4.30 1.86
C ASP A 119 19.85 -3.10 1.75
N LEU A 120 19.31 -1.87 1.64
CA LEU A 120 20.17 -0.69 1.56
C LEU A 120 20.87 -0.43 2.90
N PRO A 121 20.16 -0.20 4.05
CA PRO A 121 20.88 0.02 5.31
C PRO A 121 21.74 -1.17 5.71
N LYS A 122 21.22 -2.40 5.57
CA LYS A 122 21.91 -3.64 5.92
C LYS A 122 23.24 -3.87 5.19
N LYS A 123 23.26 -3.73 3.86
CA LYS A 123 24.43 -3.99 3.01
C LYS A 123 25.31 -2.78 2.73
N ILE A 124 24.74 -1.56 2.77
CA ILE A 124 25.50 -0.36 2.40
C ILE A 124 25.77 0.60 3.57
N LEU A 125 24.70 1.16 4.16
CA LEU A 125 24.76 2.19 5.19
C LEU A 125 25.31 1.76 6.55
N ILE A 126 24.80 0.66 7.12
CA ILE A 126 25.22 0.12 8.43
C ILE A 126 26.72 -0.25 8.48
N PRO A 127 27.28 -1.05 7.52
CA PRO A 127 28.72 -1.35 7.58
C PRO A 127 29.66 -0.15 7.43
N LYS A 128 29.16 0.98 6.90
CA LYS A 128 29.94 2.20 6.67
C LYS A 128 29.74 3.26 7.78
N ASN A 129 28.96 2.92 8.85
CA ASN A 129 28.63 3.79 9.99
C ASN A 129 27.77 5.00 9.56
N ILE A 130 26.78 4.73 8.70
CA ILE A 130 25.88 5.75 8.13
C ILE A 130 24.43 5.52 8.59
N ASN A 131 23.87 6.51 9.31
CA ASN A 131 22.51 6.48 9.83
C ASN A 131 21.76 7.80 9.58
N PRO A 132 21.20 8.01 8.37
CA PRO A 132 20.48 9.26 8.10
C PRO A 132 19.09 9.33 8.77
N PRO A 133 18.48 10.54 8.97
CA PRO A 133 17.13 10.59 9.56
C PRO A 133 16.12 9.83 8.70
N ARG A 134 15.30 8.98 9.33
CA ARG A 134 14.33 8.15 8.62
C ARG A 134 12.96 8.80 8.45
N ARG A 135 12.18 8.28 7.50
CA ARG A 135 10.83 8.70 7.18
C ARG A 135 10.10 7.42 6.78
N HIS A 136 8.97 7.13 7.44
CA HIS A 136 8.25 5.90 7.18
C HIS A 136 6.93 6.03 6.45
N SER A 137 6.70 5.12 5.49
CA SER A 137 5.48 5.03 4.70
C SER A 137 5.24 3.59 4.27
N GLU A 138 4.00 3.13 4.44
CA GLU A 138 3.57 1.77 4.07
C GLU A 138 3.36 1.62 2.58
N LEU A 139 3.05 2.71 1.88
CA LEU A 139 2.74 2.68 0.45
C LEU A 139 3.87 3.19 -0.43
N THR A 140 4.18 2.46 -1.52
CA THR A 140 5.19 2.80 -2.53
C THR A 140 4.73 4.07 -3.24
N ILE A 141 3.41 4.11 -3.55
CA ILE A 141 2.67 5.20 -4.16
C ILE A 141 2.99 6.50 -3.41
N ALA A 142 3.00 6.42 -2.06
CA ALA A 142 3.31 7.50 -1.13
C ALA A 142 4.78 7.84 -1.04
N ILE A 143 5.68 6.82 -1.15
CA ILE A 143 7.14 7.03 -1.13
C ILE A 143 7.56 7.83 -2.36
N ILE A 144 7.04 7.46 -3.56
CA ILE A 144 7.32 8.16 -4.82
C ILE A 144 6.98 9.65 -4.77
N GLN A 145 5.84 10.05 -4.17
CA GLN A 145 5.49 11.47 -4.12
C GLN A 145 6.23 12.25 -3.05
N LEU A 146 6.67 11.56 -1.98
CA LEU A 146 7.48 12.19 -0.93
C LEU A 146 8.85 12.53 -1.52
N VAL A 147 9.42 11.58 -2.30
CA VAL A 147 10.71 11.72 -2.98
C VAL A 147 10.63 12.83 -4.05
N ALA A 148 9.58 12.80 -4.89
CA ALA A 148 9.30 13.78 -5.96
C ALA A 148 9.14 15.21 -5.42
N SER A 149 8.61 15.35 -4.20
CA SER A 149 8.37 16.63 -3.52
C SER A 149 9.59 17.13 -2.72
N ARG A 150 10.76 16.47 -2.92
CA ARG A 150 12.04 16.74 -2.25
C ARG A 150 11.99 16.60 -0.72
N ARG A 151 11.24 15.59 -0.22
CA ARG A 151 11.13 15.30 1.21
C ARG A 151 12.21 14.33 1.65
N GLY A 152 12.92 13.77 0.68
CA GLY A 152 14.01 12.84 0.92
C GLY A 152 14.26 11.94 -0.27
N ILE A 153 15.16 10.97 -0.09
CA ILE A 153 15.55 10.00 -1.10
C ILE A 153 15.15 8.58 -0.63
N ALA A 154 15.18 7.60 -1.54
CA ALA A 154 14.79 6.22 -1.25
C ALA A 154 15.53 5.22 -2.15
N ALA A 155 15.36 3.93 -1.86
CA ALA A 155 15.95 2.79 -2.57
C ALA A 155 14.87 1.74 -2.72
N LEU A 156 14.43 1.48 -3.95
CA LEU A 156 13.38 0.50 -4.25
C LEU A 156 13.79 -0.41 -5.41
N PRO A 157 13.13 -1.59 -5.63
CA PRO A 157 13.49 -2.44 -6.78
C PRO A 157 13.25 -1.72 -8.11
N TYR A 158 14.05 -2.04 -9.14
CA TYR A 158 13.90 -1.42 -10.46
C TYR A 158 12.50 -1.58 -11.02
N TRP A 159 11.91 -2.80 -10.92
CA TRP A 159 10.56 -3.10 -11.44
C TRP A 159 9.46 -2.27 -10.77
N THR A 160 9.61 -1.96 -9.48
CA THR A 160 8.65 -1.18 -8.69
C THR A 160 8.63 0.27 -9.15
N VAL A 161 9.84 0.83 -9.32
CA VAL A 161 10.12 2.21 -9.72
C VAL A 161 9.73 2.45 -11.18
N MET A 162 10.03 1.47 -12.05
CA MET A 162 9.77 1.46 -13.49
C MET A 162 8.54 2.27 -14.01
N PRO A 163 7.27 2.07 -13.51
CA PRO A 163 6.15 2.87 -14.02
C PRO A 163 6.16 4.35 -13.63
N TYR A 164 6.87 4.72 -12.56
CA TYR A 164 6.96 6.10 -12.08
C TYR A 164 8.04 6.90 -12.79
N LEU A 165 8.96 6.21 -13.51
CA LEU A 165 10.05 6.83 -14.25
C LEU A 165 9.52 7.40 -15.55
N GLU A 166 8.47 6.75 -16.07
CA GLU A 166 7.74 7.04 -17.30
C GLU A 166 6.81 8.27 -17.19
N LYS A 167 6.64 8.81 -15.97
CA LYS A 167 5.82 9.96 -15.61
C LYS A 167 6.62 11.21 -15.18
N GLY A 168 7.95 11.06 -15.05
CA GLY A 168 8.87 12.13 -14.70
C GLY A 168 8.82 12.58 -13.25
N TYR A 169 8.27 11.75 -12.35
CA TYR A 169 8.18 12.07 -10.93
C TYR A 169 9.55 12.00 -10.27
N VAL A 170 10.26 10.88 -10.50
CA VAL A 170 11.56 10.59 -9.91
C VAL A 170 12.57 10.09 -10.96
N VAL A 171 13.87 10.18 -10.62
CA VAL A 171 14.94 9.67 -11.46
C VAL A 171 15.61 8.51 -10.71
N HIS A 172 15.85 7.38 -11.39
CA HIS A 172 16.47 6.23 -10.73
C HIS A 172 17.98 6.28 -10.91
N ARG A 173 18.73 5.76 -9.92
CA ARG A 173 20.19 5.76 -9.95
C ARG A 173 20.79 4.48 -9.38
N GLN A 174 21.97 4.10 -9.89
CA GLN A 174 22.70 2.93 -9.40
C GLN A 174 23.30 3.22 -8.02
N ILE A 175 23.17 2.26 -7.09
CA ILE A 175 23.71 2.37 -5.73
C ILE A 175 24.98 1.52 -5.69
N THR A 176 26.15 2.15 -5.45
CA THR A 176 27.49 1.55 -5.39
C THR A 176 27.98 1.19 -6.80
N ALA A 177 29.30 1.30 -7.04
CA ALA A 177 29.93 0.95 -8.32
C ALA A 177 29.60 -0.51 -8.68
N ASP A 178 29.52 -1.37 -7.64
CA ASP A 178 29.18 -2.79 -7.74
C ASP A 178 27.71 -2.97 -8.07
N GLY A 179 26.84 -2.13 -7.49
CA GLY A 179 25.41 -2.18 -7.69
C GLY A 179 24.70 -2.92 -6.56
N LEU A 180 23.58 -2.37 -6.07
CA LEU A 180 22.79 -2.99 -4.99
C LEU A 180 21.82 -4.01 -5.58
N GLN A 181 21.92 -5.27 -5.12
CA GLN A 181 21.09 -6.38 -5.58
C GLN A 181 20.33 -7.08 -4.44
N SER A 182 19.07 -7.47 -4.69
CA SER A 182 18.21 -8.20 -3.75
C SER A 182 18.01 -9.63 -4.23
N LYS A 183 18.27 -10.61 -3.36
CA LYS A 183 18.15 -12.03 -3.68
C LYS A 183 16.92 -12.57 -2.95
N LEU A 184 15.90 -13.02 -3.69
CA LEU A 184 14.66 -13.47 -3.06
C LEU A 184 14.51 -14.98 -2.97
N TYR A 185 14.15 -15.46 -1.77
CA TYR A 185 13.98 -16.87 -1.46
C TYR A 185 12.65 -17.14 -0.76
N ALA A 186 12.10 -18.34 -0.97
CA ALA A 186 10.90 -18.79 -0.28
C ALA A 186 11.35 -19.86 0.72
N ALA A 187 11.10 -19.60 2.01
CA ALA A 187 11.49 -20.48 3.12
C ALA A 187 10.31 -21.21 3.70
N ILE A 188 10.53 -22.48 4.04
CA ILE A 188 9.55 -23.40 4.63
C ILE A 188 10.27 -24.31 5.64
N ARG A 189 9.51 -24.94 6.55
CA ARG A 189 10.09 -25.88 7.51
C ARG A 189 10.47 -27.16 6.78
N THR A 190 11.57 -27.79 7.20
CA THR A 190 12.10 -29.04 6.63
C THR A 190 11.02 -30.15 6.56
N GLU A 191 10.17 -30.24 7.59
CA GLU A 191 9.05 -31.19 7.72
C GLU A 191 8.01 -31.06 6.59
N ASP A 192 7.84 -29.85 6.05
CA ASP A 192 6.89 -29.53 4.99
C ASP A 192 7.48 -29.59 3.57
N THR A 193 8.70 -30.14 3.41
CA THR A 193 9.36 -30.27 2.09
C THR A 193 8.76 -31.40 1.24
N ASP A 194 7.87 -32.22 1.85
CA ASP A 194 7.14 -33.30 1.22
C ASP A 194 5.79 -32.80 0.64
N LYS A 195 5.37 -31.55 0.98
CA LYS A 195 4.13 -30.92 0.52
C LYS A 195 4.26 -30.39 -0.92
N SER A 196 3.43 -30.94 -1.81
CA SER A 196 3.39 -30.60 -3.24
C SER A 196 2.94 -29.16 -3.51
N TYR A 197 1.91 -28.67 -2.78
CA TYR A 197 1.36 -27.33 -2.97
C TYR A 197 2.33 -26.19 -2.67
N LEU A 198 3.24 -26.39 -1.69
CA LEU A 198 4.24 -25.39 -1.31
C LEU A 198 5.28 -25.20 -2.42
N ASN A 199 5.72 -26.32 -3.05
CA ASN A 199 6.66 -26.30 -4.17
C ASN A 199 5.96 -25.72 -5.39
N ASN A 200 4.65 -25.98 -5.52
CA ASN A 200 3.80 -25.50 -6.60
C ASN A 200 3.59 -23.99 -6.52
N PHE A 201 3.49 -23.43 -5.29
CA PHE A 201 3.34 -21.99 -5.08
C PHE A 201 4.61 -21.25 -5.49
N CYS A 202 5.79 -21.83 -5.20
CA CYS A 202 7.11 -21.31 -5.57
C CYS A 202 7.28 -21.33 -7.10
N GLN A 203 6.71 -22.35 -7.76
CA GLN A 203 6.73 -22.51 -9.23
C GLN A 203 5.95 -21.37 -9.88
N ILE A 204 4.74 -21.07 -9.36
CA ILE A 204 3.87 -19.98 -9.83
C ILE A 204 4.61 -18.62 -9.69
N ILE A 205 5.25 -18.37 -8.52
CA ILE A 205 6.01 -17.16 -8.22
C ILE A 205 7.09 -16.88 -9.28
N ARG A 206 7.91 -17.90 -9.59
CA ARG A 206 9.00 -17.81 -10.58
C ARG A 206 8.44 -17.59 -11.98
N GLU A 207 7.39 -18.37 -12.35
CA GLU A 207 6.71 -18.25 -13.64
C GLU A 207 6.19 -16.83 -13.85
N ARG A 208 5.38 -16.32 -12.90
CA ARG A 208 4.80 -14.97 -12.94
C ARG A 208 5.82 -13.84 -12.90
N GLY A 209 6.81 -13.95 -12.01
CA GLY A 209 7.88 -12.97 -11.85
C GLY A 209 8.64 -12.71 -13.12
N PHE A 210 9.26 -13.76 -13.69
CA PHE A 210 10.06 -13.66 -14.91
C PHE A 210 9.27 -13.19 -16.14
N ALA A 211 7.96 -13.49 -16.19
CA ALA A 211 7.06 -13.10 -17.29
C ALA A 211 6.54 -11.65 -17.16
N ASP A 212 6.20 -11.21 -15.94
CA ASP A 212 5.62 -9.88 -15.71
C ASP A 212 6.59 -8.79 -15.24
N LEU A 213 7.72 -9.16 -14.61
CA LEU A 213 8.66 -8.17 -14.07
C LEU A 213 9.97 -8.00 -14.85
N PRO A 214 10.33 -6.74 -15.22
CA PRO A 214 11.60 -6.51 -15.93
C PRO A 214 12.81 -6.43 -15.00
N GLY A 215 13.99 -6.75 -15.56
CA GLY A 215 15.27 -6.69 -14.87
C GLY A 215 15.45 -7.77 -13.83
N LEU A 216 14.90 -8.97 -14.09
CA LEU A 216 14.99 -10.12 -13.19
C LEU A 216 16.02 -11.12 -13.66
N SER A 217 16.75 -11.72 -12.70
CA SER A 217 17.78 -12.70 -12.96
C SER A 217 17.63 -13.93 -12.09
N GLU A 218 17.99 -15.09 -12.67
CA GLU A 218 17.96 -16.39 -12.00
C GLU A 218 19.00 -16.40 -10.91
N LEU A 219 18.75 -17.18 -9.86
CA LEU A 219 19.68 -17.33 -8.76
C LEU A 219 19.66 -18.75 -8.26
N GLU A 220 20.83 -19.29 -7.88
CA GLU A 220 20.95 -20.66 -7.39
C GLU A 220 20.96 -20.75 -5.84
N PRO A 221 20.73 -21.94 -5.21
CA PRO A 221 20.60 -21.97 -3.73
C PRO A 221 21.84 -21.60 -2.93
N GLY B 8 5.10 29.40 -1.00
CA GLY B 8 4.62 28.79 0.24
C GLY B 8 4.87 27.30 0.40
N GLU B 9 4.02 26.62 1.18
CA GLU B 9 4.15 25.18 1.44
C GLU B 9 2.82 24.42 1.50
N LEU B 10 2.82 23.16 1.03
CA LEU B 10 1.66 22.29 0.99
C LEU B 10 1.92 20.94 1.67
N ARG B 11 1.56 20.84 2.95
CA ARG B 11 1.68 19.62 3.75
C ARG B 11 0.31 18.97 3.76
N ILE B 12 0.15 17.85 3.03
CA ILE B 12 -1.13 17.15 2.88
C ILE B 12 -1.38 16.11 3.97
N ALA B 13 -2.53 16.22 4.65
CA ALA B 13 -3.03 15.30 5.68
C ALA B 13 -4.17 14.51 5.05
N VAL B 14 -4.12 13.19 5.16
CA VAL B 14 -5.11 12.33 4.51
C VAL B 14 -5.75 11.28 5.44
N GLU B 15 -7.08 11.31 5.55
CA GLU B 15 -7.90 10.44 6.39
C GLU B 15 -7.89 8.95 5.97
N SER B 16 -8.15 8.65 4.67
CA SER B 16 -8.23 7.26 4.18
C SER B 16 -7.05 6.83 3.32
N HIS B 17 -6.69 5.53 3.37
CA HIS B 17 -5.59 4.94 2.58
C HIS B 17 -5.93 4.95 1.09
N THR B 18 -7.24 4.85 0.75
CA THR B 18 -7.75 4.85 -0.63
C THR B 18 -7.46 6.15 -1.39
N SER B 19 -7.46 7.32 -0.67
CA SER B 19 -7.24 8.64 -1.28
C SER B 19 -5.91 8.75 -2.02
N PHE B 20 -4.87 8.05 -1.54
CA PHE B 20 -3.52 8.01 -2.11
C PHE B 20 -3.50 7.62 -3.58
N ASP B 21 -4.38 6.68 -4.00
CA ASP B 21 -4.49 6.18 -5.38
C ASP B 21 -4.67 7.30 -6.38
N TRP B 22 -5.50 8.30 -6.03
CA TRP B 22 -5.78 9.46 -6.86
C TRP B 22 -5.02 10.73 -6.41
N LEU B 23 -4.60 10.78 -5.14
CA LEU B 23 -3.86 11.91 -4.57
C LEU B 23 -2.42 11.99 -5.07
N MET B 24 -1.80 10.84 -5.37
CA MET B 24 -0.44 10.77 -5.89
C MET B 24 -0.29 11.35 -7.31
N PRO B 25 -1.12 10.98 -8.34
CA PRO B 25 -0.97 11.62 -9.66
C PRO B 25 -1.31 13.12 -9.65
N ALA B 26 -2.18 13.56 -8.71
CA ALA B 26 -2.57 14.96 -8.54
C ALA B 26 -1.35 15.80 -8.10
N MET B 27 -0.53 15.23 -7.19
CA MET B 27 0.72 15.85 -6.72
C MET B 27 1.72 15.94 -7.87
N GLY B 28 1.73 14.91 -8.72
CA GLY B 28 2.57 14.84 -9.90
C GLY B 28 2.23 15.93 -10.91
N GLU B 29 0.94 16.25 -11.03
CA GLU B 29 0.44 17.30 -11.92
C GLU B 29 0.71 18.69 -11.34
N PHE B 30 0.52 18.86 -10.01
CA PHE B 30 0.72 20.11 -9.27
C PHE B 30 2.15 20.63 -9.34
N ARG B 31 3.14 19.81 -8.91
CA ARG B 31 4.57 20.13 -8.83
C ARG B 31 5.16 21.02 -9.93
N PRO B 32 5.12 20.66 -11.24
CA PRO B 32 5.71 21.54 -12.26
C PRO B 32 5.07 22.94 -12.35
N MET B 33 3.74 23.04 -12.07
CA MET B 33 2.98 24.31 -12.10
C MET B 33 3.39 25.24 -10.97
N TRP B 34 3.69 24.68 -9.80
CA TRP B 34 4.08 25.45 -8.62
C TRP B 34 5.44 24.97 -8.09
N PRO B 35 6.57 25.33 -8.76
CA PRO B 35 7.88 24.83 -8.31
C PRO B 35 8.35 25.40 -6.97
N GLN B 36 7.77 26.54 -6.55
CA GLN B 36 8.12 27.23 -5.31
C GLN B 36 7.40 26.66 -4.07
N VAL B 37 6.23 26.03 -4.26
CA VAL B 37 5.44 25.43 -3.19
C VAL B 37 6.10 24.11 -2.73
N GLU B 38 6.48 24.03 -1.45
CA GLU B 38 7.12 22.86 -0.83
C GLU B 38 6.07 21.81 -0.47
N LEU B 39 5.97 20.73 -1.28
CA LEU B 39 5.01 19.65 -1.05
C LEU B 39 5.46 18.64 0.02
N ASP B 40 4.50 18.04 0.73
CA ASP B 40 4.72 17.03 1.79
C ASP B 40 3.43 16.28 2.15
N ILE B 41 3.56 15.05 2.67
CA ILE B 41 2.43 14.23 3.16
C ILE B 41 2.66 14.04 4.67
N VAL B 42 1.65 14.33 5.50
CA VAL B 42 1.83 14.19 6.95
C VAL B 42 1.25 12.91 7.58
N SER B 43 1.81 12.54 8.76
CA SER B 43 1.35 11.42 9.61
C SER B 43 1.72 11.65 11.08
N ASP B 48 -7.31 13.60 14.18
CA ASP B 48 -8.01 13.97 12.96
C ASP B 48 -7.15 14.87 12.06
N PRO B 49 -7.20 14.70 10.70
CA PRO B 49 -6.46 15.60 9.80
C PRO B 49 -6.82 17.09 9.96
N VAL B 50 -8.08 17.40 10.36
CA VAL B 50 -8.58 18.75 10.62
C VAL B 50 -7.84 19.34 11.85
N GLY B 51 -7.55 18.48 12.83
CA GLY B 51 -6.80 18.84 14.04
C GLY B 51 -5.38 19.29 13.74
N LEU B 52 -4.73 18.62 12.76
CA LEU B 52 -3.37 18.95 12.33
C LEU B 52 -3.31 20.31 11.62
N LEU B 53 -4.41 20.70 10.93
CA LEU B 53 -4.52 22.00 10.26
C LEU B 53 -4.48 23.11 11.32
N LEU B 54 -5.27 22.93 12.41
CA LEU B 54 -5.38 23.86 13.52
C LEU B 54 -4.09 23.99 14.31
N GLN B 55 -3.30 22.90 14.37
CA GLN B 55 -1.99 22.83 15.04
C GLN B 55 -0.86 23.33 14.14
N HIS B 56 -1.18 23.75 12.90
CA HIS B 56 -0.24 24.24 11.87
C HIS B 56 0.81 23.18 11.49
N ARG B 57 0.37 21.91 11.45
CA ARG B 57 1.18 20.74 11.12
C ARG B 57 0.90 20.30 9.68
N ALA B 58 -0.31 20.64 9.17
CA ALA B 58 -0.78 20.35 7.81
C ALA B 58 -1.36 21.64 7.22
N ASP B 59 -1.35 21.74 5.89
CA ASP B 59 -1.87 22.91 5.17
C ASP B 59 -3.14 22.61 4.39
N LEU B 60 -3.39 21.32 4.11
CA LEU B 60 -4.57 20.81 3.41
C LEU B 60 -4.89 19.43 3.95
N ALA B 61 -6.18 19.16 4.21
CA ALA B 61 -6.63 17.87 4.72
C ALA B 61 -7.73 17.25 3.86
N ILE B 62 -7.59 15.96 3.50
CA ILE B 62 -8.58 15.22 2.71
C ILE B 62 -9.44 14.44 3.71
N VAL B 63 -10.71 14.90 3.91
CA VAL B 63 -11.62 14.30 4.89
C VAL B 63 -12.93 13.75 4.31
N SER B 64 -13.55 12.81 5.04
CA SER B 64 -14.79 12.14 4.65
C SER B 64 -16.07 12.83 5.19
N GLU B 65 -15.94 13.98 5.88
CA GLU B 65 -17.06 14.74 6.43
C GLU B 65 -16.75 16.23 6.61
N ALA B 66 -17.70 17.10 6.23
CA ALA B 66 -17.52 18.55 6.33
C ALA B 66 -18.29 19.17 7.49
N GLU B 67 -17.86 18.90 8.70
CA GLU B 67 -18.50 19.53 9.85
C GLU B 67 -17.37 20.10 10.71
N LYS B 68 -17.21 21.43 10.82
CA LYS B 68 -17.92 22.68 10.52
C LYS B 68 -17.53 23.39 11.81
N GLN B 69 -16.25 23.82 11.81
CA GLN B 69 -15.55 24.38 12.94
C GLN B 69 -14.99 25.75 12.61
N ASN B 70 -14.77 26.59 13.65
CA ASN B 70 -14.19 27.93 13.52
C ASN B 70 -12.76 27.83 12.99
N GLY B 71 -12.46 28.66 12.01
CA GLY B 71 -11.14 28.74 11.39
C GLY B 71 -10.82 27.69 10.35
N ILE B 72 -11.84 26.97 9.82
CA ILE B 72 -11.65 25.95 8.77
C ILE B 72 -12.69 26.14 7.67
N SER B 73 -12.22 26.17 6.41
CA SER B 73 -13.08 26.26 5.24
C SER B 73 -13.02 24.91 4.52
N PHE B 74 -14.20 24.33 4.24
CA PHE B 74 -14.33 23.04 3.56
C PHE B 74 -14.69 23.23 2.10
N GLN B 75 -13.92 22.59 1.21
CA GLN B 75 -14.14 22.65 -0.22
C GLN B 75 -14.59 21.27 -0.71
N PRO B 76 -15.74 21.16 -1.42
CA PRO B 76 -16.18 19.83 -1.87
C PRO B 76 -15.31 19.25 -3.00
N LEU B 77 -15.02 17.95 -2.94
CA LEU B 77 -14.23 17.29 -3.99
C LEU B 77 -15.16 16.43 -4.84
N PHE B 78 -15.64 15.30 -4.28
CA PHE B 78 -16.56 14.38 -4.93
C PHE B 78 -17.15 13.38 -3.92
N ALA B 79 -18.22 12.70 -4.34
CA ALA B 79 -18.87 11.66 -3.57
C ALA B 79 -18.87 10.34 -4.38
N TYR B 80 -18.78 9.20 -3.68
CA TYR B 80 -18.80 7.87 -4.29
C TYR B 80 -19.40 6.82 -3.34
N GLU B 81 -19.79 5.66 -3.91
CA GLU B 81 -20.42 4.57 -3.16
C GLU B 81 -19.40 3.61 -2.54
N MET B 82 -19.68 3.18 -1.28
CA MET B 82 -18.92 2.19 -0.54
C MET B 82 -19.64 0.85 -0.78
N VAL B 83 -18.92 -0.12 -1.38
CA VAL B 83 -19.49 -1.43 -1.70
C VAL B 83 -18.91 -2.56 -0.85
N GLY B 84 -19.79 -3.50 -0.50
CA GLY B 84 -19.44 -4.67 0.30
C GLY B 84 -18.85 -5.75 -0.59
N ILE B 85 -17.70 -6.30 -0.21
CA ILE B 85 -17.05 -7.36 -0.98
C ILE B 85 -16.92 -8.66 -0.21
N CYS B 86 -17.14 -9.76 -0.92
CA CYS B 86 -17.03 -11.14 -0.42
C CYS B 86 -16.59 -12.04 -1.57
N ALA B 87 -16.07 -13.24 -1.23
CA ALA B 87 -15.65 -14.23 -2.21
C ALA B 87 -16.89 -14.73 -2.99
N PRO B 88 -16.80 -15.14 -4.27
CA PRO B 88 -18.02 -15.59 -4.99
C PRO B 88 -18.78 -16.71 -4.29
N ASP B 89 -18.09 -17.66 -3.62
CA ASP B 89 -18.72 -18.78 -2.92
C ASP B 89 -19.26 -18.44 -1.52
N HIS B 90 -18.98 -17.22 -1.01
CA HIS B 90 -19.41 -16.76 0.32
C HIS B 90 -20.94 -16.62 0.38
N PRO B 91 -21.60 -16.99 1.52
CA PRO B 91 -23.08 -16.89 1.58
C PRO B 91 -23.68 -15.49 1.37
N LEU B 92 -22.86 -14.44 1.46
CA LEU B 92 -23.32 -13.06 1.27
C LEU B 92 -23.45 -12.66 -0.20
N ALA B 93 -22.85 -13.45 -1.12
CA ALA B 93 -22.94 -13.23 -2.57
C ALA B 93 -24.40 -13.31 -3.01
N ALA B 94 -25.17 -14.24 -2.38
CA ALA B 94 -26.59 -14.51 -2.62
C ALA B 94 -27.50 -13.32 -2.27
N LYS B 95 -27.05 -12.43 -1.37
CA LYS B 95 -27.78 -11.23 -0.96
C LYS B 95 -27.39 -10.02 -1.81
N ASN B 96 -28.36 -9.46 -2.56
CA ASN B 96 -28.16 -8.29 -3.44
C ASN B 96 -27.91 -7.02 -2.64
N VAL B 97 -28.66 -6.82 -1.54
CA VAL B 97 -28.51 -5.65 -0.68
C VAL B 97 -28.19 -6.10 0.75
N TRP B 98 -26.98 -5.80 1.22
CA TRP B 98 -26.53 -6.16 2.57
C TRP B 98 -27.12 -5.19 3.59
N THR B 99 -27.24 -5.63 4.84
CA THR B 99 -27.74 -4.85 5.99
C THR B 99 -26.67 -4.83 7.07
N ALA B 100 -26.82 -3.93 8.05
CA ALA B 100 -25.91 -3.81 9.20
C ALA B 100 -25.73 -5.17 9.88
N GLU B 101 -26.84 -5.91 10.06
CA GLU B 101 -26.95 -7.22 10.69
C GLU B 101 -26.22 -8.32 9.93
N ASP B 102 -25.99 -8.15 8.62
CA ASP B 102 -25.27 -9.12 7.79
C ASP B 102 -23.77 -9.17 8.13
N PHE B 103 -23.25 -8.10 8.76
CA PHE B 103 -21.87 -7.97 9.21
C PHE B 103 -21.59 -8.75 10.50
N ILE B 104 -22.65 -9.13 11.24
CA ILE B 104 -22.54 -9.91 12.47
C ILE B 104 -22.18 -11.37 12.14
N GLY B 105 -21.19 -11.90 12.85
CA GLY B 105 -20.71 -13.26 12.63
C GLY B 105 -19.65 -13.38 11.55
N GLU B 106 -19.32 -12.24 10.90
CA GLU B 106 -18.32 -12.16 9.83
C GLU B 106 -17.11 -11.38 10.32
N THR B 107 -15.91 -11.76 9.86
CA THR B 107 -14.67 -11.06 10.19
C THR B 107 -14.59 -9.83 9.30
N LEU B 108 -14.44 -8.65 9.90
CA LEU B 108 -14.37 -7.42 9.13
C LEU B 108 -12.92 -7.04 8.84
N ILE B 109 -12.56 -7.01 7.54
CA ILE B 109 -11.22 -6.63 7.07
C ILE B 109 -11.20 -5.15 6.70
N THR B 110 -10.44 -4.35 7.48
CA THR B 110 -10.31 -2.91 7.29
C THR B 110 -8.85 -2.49 7.34
N TYR B 111 -8.57 -1.20 7.05
CA TYR B 111 -7.23 -0.62 7.16
C TYR B 111 -6.94 -0.45 8.66
N PRO B 112 -5.68 -0.48 9.14
CA PRO B 112 -5.44 -0.34 10.58
C PRO B 112 -5.63 1.11 11.04
N VAL B 113 -6.91 1.50 11.19
CA VAL B 113 -7.39 2.85 11.54
C VAL B 113 -8.62 2.70 12.48
N PRO B 114 -8.93 3.65 13.42
CA PRO B 114 -10.13 3.48 14.26
C PRO B 114 -11.42 3.78 13.49
N ASP B 115 -12.55 3.22 13.97
CA ASP B 115 -13.90 3.35 13.40
C ASP B 115 -14.36 4.78 13.06
N GLU B 116 -13.76 5.78 13.71
CA GLU B 116 -14.02 7.20 13.52
C GLU B 116 -13.66 7.63 12.10
N MET B 117 -12.61 7.03 11.52
CA MET B 117 -12.14 7.37 10.17
C MET B 117 -12.62 6.37 9.10
N LEU B 118 -13.59 5.48 9.45
CA LEU B 118 -14.17 4.48 8.54
C LEU B 118 -15.67 4.64 8.45
N ASP B 119 -16.18 4.92 7.23
CA ASP B 119 -17.60 5.16 6.94
C ASP B 119 -18.56 4.00 7.20
N LEU B 120 -18.10 2.74 7.04
CA LEU B 120 -18.99 1.60 7.32
C LEU B 120 -19.27 1.46 8.83
N PRO B 121 -18.25 1.28 9.72
CA PRO B 121 -18.56 1.20 11.16
C PRO B 121 -19.25 2.45 11.70
N LYS B 122 -18.75 3.64 11.30
CA LYS B 122 -19.26 4.94 11.74
C LYS B 122 -20.75 5.17 11.42
N LYS B 123 -21.17 4.95 10.17
CA LYS B 123 -22.53 5.20 9.69
C LYS B 123 -23.48 4.02 9.77
N ILE B 124 -22.97 2.78 9.75
CA ILE B 124 -23.82 1.60 9.72
C ILE B 124 -23.77 0.73 10.99
N LEU B 125 -22.60 0.16 11.29
CA LEU B 125 -22.37 -0.79 12.37
C LEU B 125 -22.49 -0.24 13.80
N ILE B 126 -21.79 0.87 14.09
CA ILE B 126 -21.78 1.52 15.41
C ILE B 126 -23.18 1.97 15.87
N PRO B 127 -23.98 2.73 15.07
CA PRO B 127 -25.33 3.11 15.53
C PRO B 127 -26.30 1.95 15.75
N LYS B 128 -26.02 0.77 15.18
CA LYS B 128 -26.87 -0.42 15.30
C LYS B 128 -26.38 -1.42 16.37
N ASN B 129 -25.32 -1.05 17.14
CA ASN B 129 -24.68 -1.84 18.21
C ASN B 129 -24.02 -3.12 17.64
N ILE B 130 -23.31 -2.98 16.50
CA ILE B 130 -22.66 -4.08 15.79
C ILE B 130 -21.14 -3.92 15.77
N ASN B 131 -20.42 -4.89 16.37
CA ASN B 131 -18.97 -4.89 16.45
C ASN B 131 -18.37 -6.26 16.09
N PRO B 132 -18.19 -6.57 14.79
CA PRO B 132 -17.62 -7.87 14.41
C PRO B 132 -16.10 -7.98 14.66
N PRO B 133 -15.50 -9.19 14.74
CA PRO B 133 -14.03 -9.28 14.92
C PRO B 133 -13.31 -8.64 13.75
N ARG B 134 -12.30 -7.80 14.04
CA ARG B 134 -11.56 -7.07 13.01
C ARG B 134 -10.32 -7.80 12.50
N ARG B 135 -9.85 -7.39 11.32
CA ARG B 135 -8.66 -7.89 10.64
C ARG B 135 -8.05 -6.68 9.94
N HIS B 136 -6.77 -6.39 10.21
CA HIS B 136 -6.13 -5.20 9.66
C HIS B 136 -5.10 -5.45 8.57
N SER B 137 -5.13 -4.59 7.53
CA SER B 137 -4.20 -4.60 6.40
C SER B 137 -4.08 -3.21 5.81
N GLU B 138 -2.84 -2.77 5.56
CA GLU B 138 -2.54 -1.45 4.99
C GLU B 138 -2.79 -1.40 3.48
N LEU B 139 -2.71 -2.56 2.81
CA LEU B 139 -2.85 -2.67 1.36
C LEU B 139 -4.18 -3.20 0.90
N THR B 140 -4.80 -2.53 -0.10
CA THR B 140 -6.05 -2.92 -0.73
C THR B 140 -5.82 -4.27 -1.44
N ILE B 141 -4.67 -4.39 -2.12
CA ILE B 141 -4.16 -5.56 -2.83
C ILE B 141 -4.25 -6.78 -1.90
N ALA B 142 -3.87 -6.58 -0.63
CA ALA B 142 -3.90 -7.57 0.43
C ALA B 142 -5.30 -7.85 0.97
N ILE B 143 -6.18 -6.82 1.04
CA ILE B 143 -7.56 -6.95 1.52
C ILE B 143 -8.34 -7.83 0.54
N ILE B 144 -8.19 -7.58 -0.79
CA ILE B 144 -8.84 -8.35 -1.84
C ILE B 144 -8.53 -9.87 -1.76
N GLN B 145 -7.27 -10.26 -1.49
CA GLN B 145 -6.95 -11.69 -1.43
C GLN B 145 -7.37 -12.35 -0.14
N LEU B 146 -7.45 -11.57 0.95
CA LEU B 146 -7.93 -12.09 2.24
C LEU B 146 -9.42 -12.40 2.11
N VAL B 147 -10.18 -11.48 1.46
CA VAL B 147 -11.61 -11.61 1.20
C VAL B 147 -11.88 -12.80 0.26
N ALA B 148 -11.14 -12.89 -0.86
CA ALA B 148 -11.21 -13.95 -1.87
C ALA B 148 -10.94 -15.34 -1.29
N SER B 149 -10.06 -15.43 -0.27
CA SER B 149 -9.67 -16.67 0.41
C SER B 149 -10.62 -17.04 1.57
N ARG B 150 -11.77 -16.33 1.68
CA ARG B 150 -12.80 -16.49 2.72
C ARG B 150 -12.29 -16.23 4.14
N ARG B 151 -11.40 -15.23 4.30
CA ARG B 151 -10.86 -14.84 5.61
C ARG B 151 -11.74 -13.79 6.27
N GLY B 152 -12.69 -13.27 5.50
CA GLY B 152 -13.65 -12.28 5.96
C GLY B 152 -14.23 -11.47 4.83
N ILE B 153 -15.02 -10.44 5.19
CA ILE B 153 -15.65 -9.51 4.27
C ILE B 153 -15.09 -8.10 4.48
N ALA B 154 -15.33 -7.20 3.50
CA ALA B 154 -14.84 -5.82 3.52
C ALA B 154 -15.81 -4.85 2.85
N ALA B 155 -15.56 -3.54 3.03
CA ALA B 155 -16.30 -2.42 2.43
C ALA B 155 -15.28 -1.43 1.88
N LEU B 156 -15.24 -1.28 0.55
CA LEU B 156 -14.29 -0.40 -0.13
C LEU B 156 -15.02 0.46 -1.19
N PRO B 157 -14.42 1.59 -1.68
CA PRO B 157 -15.08 2.37 -2.74
C PRO B 157 -15.26 1.53 -4.01
N TYR B 158 -16.34 1.80 -4.78
CA TYR B 158 -16.59 1.08 -6.03
C TYR B 158 -15.40 1.14 -6.99
N TRP B 159 -14.80 2.34 -7.18
CA TRP B 159 -13.66 2.53 -8.09
C TRP B 159 -12.42 1.72 -7.72
N THR B 160 -12.18 1.51 -6.41
CA THR B 160 -11.05 0.76 -5.88
C THR B 160 -11.21 -0.74 -6.22
N VAL B 161 -12.41 -1.26 -5.98
CA VAL B 161 -12.83 -2.65 -6.17
C VAL B 161 -12.90 -3.02 -7.65
N MET B 162 -13.41 -2.09 -8.46
CA MET B 162 -13.60 -2.20 -9.92
C MET B 162 -12.60 -3.11 -10.71
N PRO B 163 -11.25 -2.94 -10.63
CA PRO B 163 -10.35 -3.84 -11.39
C PRO B 163 -10.27 -5.28 -10.90
N TYR B 164 -10.65 -5.54 -9.63
CA TYR B 164 -10.62 -6.88 -9.03
C TYR B 164 -11.87 -7.69 -9.33
N LEU B 165 -12.93 -6.99 -9.80
CA LEU B 165 -14.21 -7.61 -10.16
C LEU B 165 -14.13 -8.36 -11.46
N GLU B 166 -13.35 -7.88 -12.43
CA GLU B 166 -13.26 -8.61 -13.69
C GLU B 166 -12.49 -9.93 -13.51
N LYS B 167 -11.49 -9.92 -12.60
CA LYS B 167 -10.62 -11.06 -12.33
C LYS B 167 -11.30 -12.25 -11.59
N GLY B 168 -12.53 -12.03 -11.12
CA GLY B 168 -13.31 -13.04 -10.42
C GLY B 168 -12.86 -13.38 -9.01
N TYR B 169 -12.06 -12.48 -8.38
CA TYR B 169 -11.58 -12.69 -7.02
C TYR B 169 -12.70 -12.49 -6.02
N VAL B 170 -13.42 -11.35 -6.14
CA VAL B 170 -14.49 -10.95 -5.23
C VAL B 170 -15.73 -10.47 -5.97
N VAL B 171 -16.88 -10.44 -5.25
CA VAL B 171 -18.14 -9.92 -5.79
C VAL B 171 -18.53 -8.68 -4.98
N HIS B 172 -19.03 -7.63 -5.65
CA HIS B 172 -19.41 -6.38 -4.99
C HIS B 172 -20.92 -6.24 -4.79
N ARG B 173 -21.34 -5.84 -3.57
CA ARG B 173 -22.75 -5.68 -3.20
C ARG B 173 -23.05 -4.34 -2.53
N GLN B 174 -24.30 -3.89 -2.65
CA GLN B 174 -24.82 -2.65 -2.06
C GLN B 174 -24.96 -2.81 -0.54
N ILE B 175 -24.53 -1.79 0.23
CA ILE B 175 -24.65 -1.77 1.69
C ILE B 175 -25.82 -0.85 2.05
N THR B 176 -26.89 -1.41 2.68
CA THR B 176 -28.14 -0.74 3.09
C THR B 176 -29.00 -0.45 1.87
N ALA B 177 -30.35 -0.50 2.04
CA ALA B 177 -31.32 -0.20 0.98
C ALA B 177 -31.07 1.21 0.42
N ASP B 178 -30.66 2.13 1.30
CA ASP B 178 -30.32 3.51 0.98
C ASP B 178 -29.01 3.58 0.19
N GLY B 179 -28.04 2.74 0.57
CA GLY B 179 -26.72 2.70 -0.05
C GLY B 179 -25.70 3.47 0.75
N LEU B 180 -24.49 2.89 0.94
CA LEU B 180 -23.40 3.53 1.68
C LEU B 180 -22.63 4.46 0.74
N GLN B 181 -22.55 5.74 1.11
CA GLN B 181 -21.88 6.77 0.31
C GLN B 181 -20.81 7.52 1.12
N SER B 182 -19.68 7.82 0.47
CA SER B 182 -18.56 8.58 1.04
C SER B 182 -18.51 9.95 0.38
N LYS B 183 -18.50 11.01 1.20
CA LYS B 183 -18.47 12.39 0.73
C LYS B 183 -17.08 12.94 1.00
N LEU B 184 -16.32 13.28 -0.05
CA LEU B 184 -14.95 13.76 0.13
C LEU B 184 -14.77 15.25 0.01
N TYR B 185 -14.07 15.84 1.00
CA TYR B 185 -13.82 17.27 1.09
C TYR B 185 -12.36 17.56 1.34
N ALA B 186 -11.90 18.72 0.86
CA ALA B 186 -10.55 19.20 1.09
C ALA B 186 -10.69 20.39 2.05
N ALA B 187 -10.08 20.26 3.25
CA ALA B 187 -10.13 21.27 4.29
C ALA B 187 -8.83 22.04 4.42
N ILE B 188 -8.94 23.36 4.63
CA ILE B 188 -7.84 24.30 4.81
C ILE B 188 -8.23 25.35 5.84
N ARG B 189 -7.25 26.06 6.42
CA ARG B 189 -7.51 27.14 7.38
C ARG B 189 -8.09 28.34 6.65
N THR B 190 -9.02 29.05 7.29
CA THR B 190 -9.70 30.24 6.74
C THR B 190 -8.69 31.30 6.23
N GLU B 191 -7.55 31.48 6.94
CA GLU B 191 -6.46 32.42 6.60
C GLU B 191 -5.90 32.14 5.20
N ASP B 192 -5.76 30.84 4.88
CA ASP B 192 -5.18 30.36 3.64
C ASP B 192 -6.16 30.29 2.45
N THR B 193 -7.38 30.85 2.59
CA THR B 193 -8.38 30.85 1.51
C THR B 193 -8.04 31.86 0.40
N ASP B 194 -7.00 32.68 0.62
CA ASP B 194 -6.50 33.66 -0.35
C ASP B 194 -5.43 33.03 -1.24
N LYS B 195 -4.86 31.87 -0.81
CA LYS B 195 -3.81 31.15 -1.52
C LYS B 195 -4.34 30.47 -2.78
N SER B 196 -3.81 30.89 -3.93
CA SER B 196 -4.18 30.39 -5.25
C SER B 196 -3.84 28.93 -5.46
N TYR B 197 -2.63 28.49 -5.00
CA TYR B 197 -2.18 27.10 -5.18
C TYR B 197 -3.03 26.04 -4.48
N LEU B 198 -3.62 26.37 -3.32
CA LEU B 198 -4.48 25.47 -2.56
C LEU B 198 -5.79 25.20 -3.29
N ASN B 199 -6.38 26.25 -3.89
CA ASN B 199 -7.61 26.15 -4.69
C ASN B 199 -7.30 25.42 -5.98
N ASN B 200 -6.08 25.63 -6.52
CA ASN B 200 -5.58 25.00 -7.73
C ASN B 200 -5.36 23.50 -7.54
N PHE B 201 -4.91 23.07 -6.33
CA PHE B 201 -4.72 21.65 -6.00
C PHE B 201 -6.05 20.92 -5.95
N CYS B 202 -7.11 21.59 -5.40
CA CYS B 202 -8.48 21.07 -5.32
C CYS B 202 -9.08 20.94 -6.73
N GLN B 203 -8.73 21.87 -7.64
CA GLN B 203 -9.16 21.88 -9.04
C GLN B 203 -8.60 20.65 -9.76
N ILE B 204 -7.30 20.36 -9.58
CA ILE B 204 -6.61 19.19 -10.16
C ILE B 204 -7.29 17.89 -9.67
N ILE B 205 -7.57 17.78 -8.34
CA ILE B 205 -8.21 16.62 -7.70
C ILE B 205 -9.55 16.29 -8.38
N ARG B 206 -10.42 17.30 -8.54
CA ARG B 206 -11.74 17.17 -9.15
C ARG B 206 -11.61 16.81 -10.64
N GLU B 207 -10.72 17.52 -11.38
CA GLU B 207 -10.45 17.25 -12.80
C GLU B 207 -10.03 15.79 -12.99
N ARG B 208 -8.98 15.33 -12.27
CA ARG B 208 -8.44 13.98 -12.33
C ARG B 208 -9.44 12.90 -11.89
N GLY B 209 -10.13 13.13 -10.76
CA GLY B 209 -11.11 12.22 -10.17
C GLY B 209 -12.25 11.87 -11.10
N PHE B 210 -12.96 12.89 -11.62
CA PHE B 210 -14.08 12.70 -12.54
C PHE B 210 -13.69 12.09 -13.89
N ALA B 211 -12.45 12.32 -14.35
CA ALA B 211 -11.92 11.80 -15.61
C ALA B 211 -11.40 10.36 -15.51
N ASP B 212 -10.71 10.01 -14.41
CA ASP B 212 -10.10 8.69 -14.21
C ASP B 212 -10.90 7.69 -13.38
N LEU B 213 -11.77 8.17 -12.46
CA LEU B 213 -12.53 7.27 -11.59
C LEU B 213 -14.03 7.11 -11.92
N PRO B 214 -14.51 5.86 -12.07
CA PRO B 214 -15.95 5.65 -12.36
C PRO B 214 -16.83 5.67 -11.12
N GLY B 215 -18.11 6.00 -11.34
CA GLY B 215 -19.14 6.04 -10.30
C GLY B 215 -18.99 7.20 -9.33
N LEU B 216 -18.53 8.34 -9.85
CA LEU B 216 -18.32 9.57 -9.07
C LEU B 216 -19.45 10.57 -9.30
N SER B 217 -19.83 11.28 -8.23
CA SER B 217 -20.88 12.30 -8.26
C SER B 217 -20.45 13.60 -7.59
N GLU B 218 -20.99 14.74 -8.03
CA GLU B 218 -20.66 16.07 -7.50
C GLU B 218 -21.29 16.32 -6.13
N LEU B 219 -20.55 17.07 -5.27
CA LEU B 219 -21.01 17.48 -3.94
C LEU B 219 -21.51 18.94 -3.97
N GLU B 220 -22.20 19.38 -2.89
CA GLU B 220 -22.73 20.74 -2.79
C GLU B 220 -22.51 21.32 -1.40
S SO4 C . -20.14 -8.36 -9.67
O1 SO4 C . -19.67 -7.99 -8.34
O2 SO4 C . -19.15 -9.25 -10.30
O3 SO4 C . -21.43 -9.06 -9.55
O4 SO4 C . -20.31 -7.16 -10.49
#